data_7ODB
#
_entry.id   7ODB
#
_cell.length_a   65.611
_cell.length_b   50.221
_cell.length_c   86.679
_cell.angle_alpha   90.000
_cell.angle_beta   100.014
_cell.angle_gamma   90.000
#
_symmetry.space_group_name_H-M   'P 1 21 1'
#
loop_
_entity.id
_entity.type
_entity.pdbx_description
1 polymer 'Heat shock cognate 71 kDa protein'
2 non-polymer '4-(2-HYDROXYETHYL)-1-PIPERAZINE ETHANESULFONIC ACID'
3 non-polymer 'POTASSIUM ION'
4 non-polymer GLYCEROL
5 non-polymer 6-methyl-5-sulfanylidene-2H-1,2,4-triazin-3-one
6 water water
#
_entity_poly.entity_id   1
_entity_poly.type   'polypeptide(L)'
_entity_poly.pdbx_seq_one_letter_code
;MSKGPAVGIDLGTTYSCVGVFQHGKVEIIANDQGNRTTPSYVAFTDTERLIGDAAKNQVAMNPTNTVFDAKRLIGRRFDD
AVVQSDMKHWPFMVVNDAGRPKVQVEYKGETKSFYPEEVSSMVLTKMKEIAEAYLGKTVTNAVVTVPAYFNDSQRQATKD
AGTIAGLNVLRIINEPTAAAIAYGLDKKVGAERNVLIFDLGGGTFDVSILTIAAGIFEVKSTAGDTHLGGEDFDNRMVNH
FIAEFKRKHKKDISENKRAVRRLRTACERAKRTLSSSTQASIEIDSLYEGIDFYTSITRARFEELNADLFRGTLDPVEKA
LRDAKLDKSQIHDIVLVGGSTRIPKIQKLLQDFFNGKELNKSINPDEAVAYGAAVQAAILSGDKSENVQDLLLLDVTPLS
LGIETAGGVMTVLIKRNTTIPTKQTQTFTTYSDNQPGVLIQVYEGERAMTKDNNLLGKFELTGIPPAPRGVPQIEVTFDI
DANGILNVSAVDKSTGKENKITITNDKGRLSKEDIERMVQEAEKYKAEDEKQRDKVSSKNSLESYAFNMKATVE
;
_entity_poly.pdbx_strand_id   A
#
# COMPACT_ATOMS: atom_id res chain seq x y z
N GLY A 4 16.89 13.78 -19.89
CA GLY A 4 16.22 12.61 -20.50
C GLY A 4 15.04 12.15 -19.67
N PRO A 5 14.35 11.04 -20.06
CA PRO A 5 13.17 10.56 -19.34
C PRO A 5 13.44 9.99 -17.94
N ALA A 6 12.53 10.26 -17.01
CA ALA A 6 12.65 9.68 -15.64
C ALA A 6 12.21 8.22 -15.66
N VAL A 7 12.68 7.43 -14.69
CA VAL A 7 12.35 5.98 -14.66
C VAL A 7 11.43 5.68 -13.48
N GLY A 8 10.69 4.58 -13.58
CA GLY A 8 9.86 4.14 -12.44
C GLY A 8 10.48 2.88 -11.87
N ILE A 9 10.71 2.86 -10.55
CA ILE A 9 11.40 1.70 -9.94
C ILE A 9 10.53 1.06 -8.85
N ASP A 10 10.29 -0.24 -8.97
CA ASP A 10 9.60 -0.98 -7.90
C ASP A 10 10.74 -1.55 -7.06
N LEU A 11 10.99 -0.97 -5.88
CA LEU A 11 12.05 -1.50 -4.98
C LEU A 11 11.35 -2.55 -4.11
N GLY A 12 11.37 -3.80 -4.57
CA GLY A 12 10.61 -4.84 -3.88
C GLY A 12 11.37 -5.55 -2.81
N THR A 13 10.65 -6.25 -1.94
CA THR A 13 11.29 -7.00 -0.84
C THR A 13 12.21 -8.08 -1.43
N THR A 14 11.76 -8.81 -2.45
CA THR A 14 12.56 -9.94 -3.01
C THR A 14 13.21 -9.55 -4.34
N TYR A 15 12.56 -8.70 -5.12
CA TYR A 15 13.09 -8.33 -6.45
C TYR A 15 12.78 -6.86 -6.74
N SER A 16 13.53 -6.28 -7.68
CA SER A 16 13.24 -4.89 -8.09
C SER A 16 13.00 -4.85 -9.60
N CYS A 17 12.21 -3.88 -10.03
CA CYS A 17 11.83 -3.80 -11.47
C CYS A 17 11.89 -2.33 -11.90
N VAL A 18 12.47 -2.07 -13.08
CA VAL A 18 12.61 -0.68 -13.57
C VAL A 18 11.92 -0.55 -14.93
N GLY A 19 11.11 0.50 -15.10
CA GLY A 19 10.42 0.75 -16.37
C GLY A 19 10.59 2.18 -16.83
N VAL A 20 10.44 2.42 -18.13
CA VAL A 20 10.50 3.82 -18.65
C VAL A 20 9.33 4.04 -19.61
N PHE A 21 8.67 5.20 -19.50
CA PHE A 21 7.59 5.53 -20.45
C PHE A 21 8.22 6.30 -21.61
N GLN A 22 8.24 5.69 -22.79
CA GLN A 22 8.81 6.32 -24.01
C GLN A 22 7.97 5.88 -25.20
N HIS A 23 7.80 6.76 -26.20
CA HIS A 23 7.08 6.37 -27.45
C HIS A 23 5.65 5.91 -27.13
N GLY A 24 5.00 6.54 -26.14
CA GLY A 24 3.59 6.24 -25.86
C GLY A 24 3.38 4.91 -25.16
N LYS A 25 4.46 4.27 -24.73
CA LYS A 25 4.32 2.92 -24.12
C LYS A 25 5.30 2.79 -22.96
N VAL A 26 4.99 1.92 -22.01
CA VAL A 26 5.94 1.64 -20.91
C VAL A 26 6.82 0.48 -21.37
N GLU A 27 8.13 0.60 -21.19
CA GLU A 27 8.99 -0.55 -21.49
C GLU A 27 9.62 -1.01 -20.17
N ILE A 28 9.41 -2.27 -19.79
CA ILE A 28 10.10 -2.81 -18.60
C ILE A 28 11.50 -3.18 -19.09
N ILE A 29 12.54 -2.80 -18.35
CA ILE A 29 13.93 -2.97 -18.84
C ILE A 29 14.57 -4.25 -18.32
N ALA A 30 15.11 -5.05 -19.23
CA ALA A 30 15.81 -6.29 -18.82
C ALA A 30 17.23 -5.97 -18.35
N ASN A 31 17.76 -6.80 -17.45
CA ASN A 31 19.13 -6.60 -16.92
C ASN A 31 20.15 -7.25 -17.86
N ASP A 32 21.43 -7.29 -17.44
CA ASP A 32 22.51 -7.83 -18.31
C ASP A 32 22.33 -9.34 -18.52
N GLN A 33 21.59 -10.01 -17.63
CA GLN A 33 21.30 -11.46 -17.81
C GLN A 33 19.99 -11.65 -18.58
N GLY A 34 19.36 -10.57 -19.05
CA GLY A 34 18.12 -10.67 -19.84
C GLY A 34 16.87 -10.82 -18.98
N ASN A 35 16.95 -10.50 -17.69
CA ASN A 35 15.80 -10.68 -16.77
C ASN A 35 15.09 -9.34 -16.52
N ARG A 36 13.76 -9.31 -16.64
CA ARG A 36 12.96 -8.07 -16.44
C ARG A 36 12.81 -7.76 -14.94
N THR A 37 13.17 -8.71 -14.08
CA THR A 37 13.18 -8.45 -12.62
C THR A 37 14.59 -8.76 -12.10
N THR A 38 15.05 -8.00 -11.11
CA THR A 38 16.40 -8.23 -10.54
C THR A 38 16.26 -8.49 -9.04
N PRO A 39 16.86 -9.57 -8.50
CA PRO A 39 16.73 -9.88 -7.08
C PRO A 39 17.28 -8.74 -6.22
N SER A 40 16.57 -8.42 -5.13
CA SER A 40 17.03 -7.35 -4.20
C SER A 40 18.04 -8.00 -3.26
N TYR A 41 19.15 -8.45 -3.81
CA TYR A 41 20.17 -9.18 -3.02
C TYR A 41 21.53 -8.50 -3.21
N VAL A 42 22.29 -8.35 -2.13
CA VAL A 42 23.67 -7.82 -2.25
C VAL A 42 24.59 -8.83 -1.56
N ALA A 43 25.63 -9.30 -2.25
CA ALA A 43 26.52 -10.32 -1.69
C ALA A 43 27.93 -9.75 -1.55
N PHE A 44 28.56 -10.01 -0.40
CA PHE A 44 29.94 -9.53 -0.18
C PHE A 44 30.85 -10.75 -0.16
N THR A 45 31.93 -10.70 -0.93
CA THR A 45 32.83 -11.89 -1.03
C THR A 45 34.26 -11.46 -0.71
N ASP A 46 35.18 -12.43 -0.73
CA ASP A 46 36.62 -12.13 -0.48
C ASP A 46 37.13 -11.16 -1.55
N THR A 47 36.57 -11.22 -2.76
CA THR A 47 37.12 -10.37 -3.84
C THR A 47 36.18 -9.27 -4.34
N GLU A 48 34.86 -9.40 -4.15
CA GLU A 48 33.97 -8.41 -4.80
C GLU A 48 32.58 -8.26 -4.18
N ARG A 49 31.87 -7.21 -4.59
CA ARG A 49 30.46 -7.04 -4.15
C ARG A 49 29.58 -7.43 -5.33
N LEU A 50 28.63 -8.33 -5.12
CA LEU A 50 27.70 -8.77 -6.20
C LEU A 50 26.32 -8.20 -5.90
N ILE A 51 25.63 -7.70 -6.93
CA ILE A 51 24.25 -7.18 -6.74
C ILE A 51 23.30 -7.91 -7.71
N GLY A 52 22.10 -8.25 -7.26
CA GLY A 52 21.10 -8.88 -8.13
C GLY A 52 21.29 -10.35 -8.42
N ASP A 53 21.22 -10.75 -9.70
CA ASP A 53 21.23 -12.19 -10.05
C ASP A 53 22.49 -12.87 -9.52
N ALA A 54 23.64 -12.20 -9.66
CA ALA A 54 24.91 -12.84 -9.25
C ALA A 54 24.85 -13.14 -7.75
N ALA A 55 24.32 -12.20 -6.97
CA ALA A 55 24.24 -12.38 -5.50
C ALA A 55 23.29 -13.53 -5.13
N LYS A 56 22.12 -13.58 -5.77
CA LYS A 56 21.13 -14.65 -5.47
C LYS A 56 21.69 -16.01 -5.86
N ASN A 57 22.40 -16.07 -6.99
CA ASN A 57 22.91 -17.35 -7.51
C ASN A 57 23.89 -17.99 -6.52
N GLN A 58 24.68 -17.19 -5.81
CA GLN A 58 25.72 -17.74 -4.91
C GLN A 58 25.27 -17.78 -3.45
N VAL A 59 23.97 -17.61 -3.16
CA VAL A 59 23.51 -17.49 -1.75
C VAL A 59 23.88 -18.74 -0.94
N ALA A 60 23.70 -19.94 -1.51
CA ALA A 60 23.97 -21.19 -0.77
C ALA A 60 25.46 -21.28 -0.40
N MET A 61 26.33 -20.84 -1.30
CA MET A 61 27.80 -20.84 -1.04
C MET A 61 28.22 -19.80 0.00
N ASN A 62 27.53 -18.65 0.05
CA ASN A 62 27.97 -17.55 0.96
C ASN A 62 26.78 -16.98 1.74
N PRO A 63 26.06 -17.77 2.56
CA PRO A 63 24.85 -17.27 3.23
C PRO A 63 25.04 -16.12 4.24
N THR A 64 26.10 -16.17 5.02
CA THR A 64 26.32 -15.15 6.08
C THR A 64 26.57 -13.78 5.45
N ASN A 65 27.16 -13.74 4.25
CA ASN A 65 27.53 -12.45 3.62
C ASN A 65 26.60 -12.08 2.45
N THR A 66 25.49 -12.79 2.30
CA THR A 66 24.50 -12.42 1.24
C THR A 66 23.30 -11.76 1.92
N VAL A 67 23.07 -10.49 1.61
CA VAL A 67 22.00 -9.73 2.31
C VAL A 67 20.76 -9.63 1.44
N PHE A 68 19.59 -9.81 2.05
CA PHE A 68 18.30 -9.71 1.36
C PHE A 68 17.31 -9.18 2.40
N ASP A 69 16.10 -8.80 1.98
CA ASP A 69 15.06 -8.36 2.96
C ASP A 69 15.46 -7.07 3.67
N ALA A 70 16.29 -6.24 3.05
CA ALA A 70 16.65 -4.92 3.65
C ALA A 70 15.38 -4.06 3.77
N LYS A 71 14.40 -4.29 2.91
CA LYS A 71 13.13 -3.52 2.95
C LYS A 71 12.44 -3.75 4.30
N ARG A 72 12.63 -4.94 4.88
CA ARG A 72 12.04 -5.26 6.20
C ARG A 72 12.65 -4.39 7.31
N LEU A 73 13.91 -3.97 7.16
CA LEU A 73 14.60 -3.16 8.19
C LEU A 73 14.55 -1.67 7.87
N ILE A 74 14.26 -1.30 6.62
CA ILE A 74 14.40 0.13 6.22
C ILE A 74 13.49 1.05 7.05
N GLY A 75 14.06 2.14 7.55
CA GLY A 75 13.28 3.14 8.32
C GLY A 75 12.88 2.64 9.69
N ARG A 76 13.46 1.55 10.15
CA ARG A 76 13.02 0.97 11.45
C ARG A 76 14.11 1.09 12.51
N ARG A 77 13.71 1.03 13.78
CA ARG A 77 14.68 1.04 14.90
C ARG A 77 15.05 -0.42 15.21
N PHE A 78 16.22 -0.65 15.82
CA PHE A 78 16.68 -2.01 16.14
C PHE A 78 15.72 -2.69 17.12
N ASP A 79 15.20 -1.93 18.08
CA ASP A 79 14.35 -2.50 19.16
C ASP A 79 12.92 -2.73 18.68
N ASP A 80 12.63 -2.37 17.42
N ASP A 80 12.63 -2.36 17.42
CA ASP A 80 11.28 -2.61 16.85
CA ASP A 80 11.28 -2.62 16.87
C ASP A 80 11.01 -4.11 16.92
C ASP A 80 11.01 -4.12 16.94
N ALA A 81 9.79 -4.50 17.31
CA ALA A 81 9.45 -5.94 17.46
C ALA A 81 9.60 -6.68 16.12
N VAL A 82 9.22 -6.01 15.02
CA VAL A 82 9.32 -6.65 13.68
C VAL A 82 10.80 -7.00 13.45
N VAL A 83 11.71 -6.07 13.74
CA VAL A 83 13.16 -6.30 13.47
C VAL A 83 13.62 -7.49 14.31
N GLN A 84 13.23 -7.52 15.59
CA GLN A 84 13.69 -8.60 16.49
C GLN A 84 13.18 -9.96 16.02
N SER A 85 11.91 -10.06 15.63
CA SER A 85 11.36 -11.33 15.09
C SER A 85 12.02 -11.70 13.76
N ASP A 86 12.16 -10.72 12.85
CA ASP A 86 12.72 -11.00 11.50
C ASP A 86 14.16 -11.47 11.57
N MET A 87 14.95 -10.90 12.47
CA MET A 87 16.41 -11.20 12.54
C MET A 87 16.61 -12.71 12.75
N LYS A 88 15.70 -13.36 13.46
CA LYS A 88 15.85 -14.81 13.79
C LYS A 88 15.86 -15.66 12.52
N HIS A 89 15.23 -15.20 11.44
CA HIS A 89 15.13 -15.99 10.19
C HIS A 89 16.23 -15.64 9.19
N TRP A 90 17.16 -14.75 9.55
CA TRP A 90 18.19 -14.30 8.58
C TRP A 90 19.55 -14.91 8.89
N PRO A 91 20.26 -15.46 7.89
CA PRO A 91 21.63 -15.96 8.08
C PRO A 91 22.64 -14.85 8.40
N PHE A 92 22.47 -13.67 7.79
CA PHE A 92 23.36 -12.50 8.04
C PHE A 92 23.09 -11.87 9.40
N MET A 93 24.11 -11.20 9.94
CA MET A 93 23.99 -10.57 11.28
C MET A 93 23.38 -9.18 11.18
N VAL A 94 22.52 -8.82 12.14
CA VAL A 94 21.99 -7.44 12.22
C VAL A 94 22.47 -6.87 13.55
N VAL A 95 23.10 -5.70 13.53
CA VAL A 95 23.72 -5.15 14.76
C VAL A 95 23.06 -3.82 15.11
N ASN A 96 23.18 -3.40 16.37
CA ASN A 96 22.54 -2.15 16.83
C ASN A 96 23.58 -1.04 16.84
N ASP A 97 23.44 -0.07 15.95
CA ASP A 97 24.32 1.12 15.98
C ASP A 97 23.49 2.29 16.49
N ALA A 98 23.61 2.61 17.79
CA ALA A 98 22.90 3.78 18.36
C ALA A 98 21.40 3.73 18.08
N GLY A 99 20.78 2.56 18.22
CA GLY A 99 19.31 2.43 18.03
C GLY A 99 18.92 2.13 16.59
N ARG A 100 19.87 2.13 15.67
CA ARG A 100 19.58 1.89 14.24
C ARG A 100 20.13 0.52 13.84
N PRO A 101 19.34 -0.34 13.16
CA PRO A 101 19.85 -1.63 12.69
C PRO A 101 20.85 -1.48 11.54
N LYS A 102 21.88 -2.32 11.54
CA LYS A 102 22.85 -2.34 10.42
C LYS A 102 23.14 -3.79 10.07
N VAL A 103 23.28 -4.10 8.79
CA VAL A 103 23.69 -5.49 8.42
C VAL A 103 25.21 -5.56 8.56
N GLN A 104 25.70 -6.62 9.21
CA GLN A 104 27.17 -6.75 9.42
C GLN A 104 27.63 -7.96 8.60
N VAL A 105 28.65 -7.76 7.77
CA VAL A 105 29.09 -8.84 6.86
C VAL A 105 30.61 -8.84 6.77
N GLU A 106 31.17 -9.91 6.21
CA GLU A 106 32.63 -9.93 5.95
C GLU A 106 32.81 -9.57 4.48
N TYR A 107 33.61 -8.55 4.20
CA TYR A 107 33.87 -8.13 2.80
C TYR A 107 35.37 -7.97 2.61
N LYS A 108 35.94 -8.73 1.69
CA LYS A 108 37.40 -8.60 1.37
C LYS A 108 38.23 -8.78 2.65
N GLY A 109 37.83 -9.72 3.52
CA GLY A 109 38.60 -10.03 4.74
C GLY A 109 38.36 -9.06 5.89
N GLU A 110 37.43 -8.13 5.75
CA GLU A 110 37.22 -7.11 6.80
C GLU A 110 35.75 -7.08 7.22
N THR A 111 35.49 -6.87 8.51
CA THR A 111 34.10 -6.73 8.98
C THR A 111 33.57 -5.37 8.52
N LYS A 112 32.39 -5.35 7.89
CA LYS A 112 31.79 -4.07 7.41
C LYS A 112 30.31 -4.03 7.82
N SER A 113 29.81 -2.84 8.11
CA SER A 113 28.40 -2.68 8.53
C SER A 113 27.69 -1.69 7.60
N PHE A 114 26.45 -2.01 7.23
CA PHE A 114 25.70 -1.15 6.29
C PHE A 114 24.28 -0.88 6.81
N TYR A 115 23.85 0.37 6.73
CA TYR A 115 22.44 0.69 7.09
C TYR A 115 21.55 0.11 6.00
N PRO A 116 20.26 -0.17 6.29
CA PRO A 116 19.38 -0.77 5.30
C PRO A 116 19.29 0.12 4.05
N GLU A 117 19.26 1.43 4.23
CA GLU A 117 19.17 2.38 3.08
C GLU A 117 20.41 2.22 2.20
N GLU A 118 21.57 1.97 2.81
CA GLU A 118 22.80 1.72 2.01
C GLU A 118 22.67 0.45 1.16
N VAL A 119 22.15 -0.63 1.75
CA VAL A 119 21.96 -1.90 0.99
C VAL A 119 20.95 -1.66 -0.14
N SER A 120 19.84 -0.99 0.18
CA SER A 120 18.83 -0.66 -0.86
C SER A 120 19.42 0.29 -1.91
N SER A 121 20.34 1.17 -1.50
CA SER A 121 21.01 2.07 -2.47
C SER A 121 21.80 1.24 -3.48
N MET A 122 22.41 0.15 -3.03
CA MET A 122 23.16 -0.76 -3.93
C MET A 122 22.20 -1.42 -4.93
N VAL A 123 21.03 -1.84 -4.47
CA VAL A 123 20.02 -2.41 -5.41
C VAL A 123 19.58 -1.31 -6.39
N LEU A 124 19.35 -0.10 -5.88
CA LEU A 124 18.92 1.03 -6.74
C LEU A 124 20.03 1.40 -7.74
N THR A 125 21.29 1.28 -7.32
CA THR A 125 22.42 1.55 -8.24
C THR A 125 22.38 0.55 -9.40
N LYS A 126 22.11 -0.73 -9.11
CA LYS A 126 22.01 -1.75 -10.18
C LYS A 126 20.84 -1.40 -11.12
N MET A 127 19.70 -1.03 -10.55
CA MET A 127 18.52 -0.66 -11.38
C MET A 127 18.85 0.57 -12.22
N LYS A 128 19.56 1.54 -11.64
CA LYS A 128 19.95 2.76 -12.38
C LYS A 128 20.88 2.36 -13.53
N GLU A 129 21.84 1.48 -13.27
CA GLU A 129 22.80 1.02 -14.31
C GLU A 129 22.08 0.23 -15.40
N ILE A 130 21.12 -0.61 -15.02
CA ILE A 130 20.33 -1.39 -16.01
C ILE A 130 19.59 -0.42 -16.91
N ALA A 131 18.98 0.62 -16.34
CA ALA A 131 18.24 1.61 -17.14
C ALA A 131 19.21 2.37 -18.06
N GLU A 132 20.38 2.71 -17.55
CA GLU A 132 21.39 3.48 -18.34
C GLU A 132 21.88 2.64 -19.53
N ALA A 133 22.10 1.35 -19.31
CA ALA A 133 22.55 0.47 -20.41
C ALA A 133 21.47 0.42 -21.50
N TYR A 134 20.21 0.31 -21.10
CA TYR A 134 19.08 0.27 -22.07
C TYR A 134 18.91 1.62 -22.79
N LEU A 135 18.95 2.73 -22.06
CA LEU A 135 18.67 4.06 -22.66
C LEU A 135 19.91 4.68 -23.31
N GLY A 136 21.09 4.16 -22.99
CA GLY A 136 22.35 4.72 -23.54
C GLY A 136 22.61 6.14 -23.06
N LYS A 137 22.10 6.48 -21.88
CA LYS A 137 22.26 7.84 -21.33
C LYS A 137 22.15 7.79 -19.80
N THR A 138 22.65 8.83 -19.12
CA THR A 138 22.59 8.88 -17.64
C THR A 138 21.15 8.94 -17.18
N VAL A 139 20.82 8.21 -16.11
CA VAL A 139 19.46 8.27 -15.53
C VAL A 139 19.62 8.88 -14.13
N THR A 140 18.94 9.99 -13.86
CA THR A 140 19.01 10.63 -12.52
C THR A 140 17.61 10.66 -11.90
N ASN A 141 16.61 11.09 -12.66
CA ASN A 141 15.24 11.26 -12.10
C ASN A 141 14.54 9.90 -11.98
N ALA A 142 13.85 9.68 -10.86
CA ALA A 142 13.13 8.41 -10.67
C ALA A 142 11.94 8.53 -9.74
N VAL A 143 10.95 7.67 -9.93
CA VAL A 143 9.83 7.57 -8.95
C VAL A 143 10.02 6.18 -8.32
N VAL A 144 10.07 6.13 -6.98
CA VAL A 144 10.30 4.84 -6.28
C VAL A 144 9.04 4.51 -5.49
N THR A 145 8.61 3.25 -5.56
CA THR A 145 7.35 2.85 -4.89
C THR A 145 7.63 2.27 -3.49
N VAL A 146 6.65 2.40 -2.58
CA VAL A 146 6.77 1.82 -1.22
C VAL A 146 5.40 1.25 -0.86
N PRO A 147 5.28 0.33 0.12
CA PRO A 147 3.97 -0.14 0.56
C PRO A 147 3.14 1.01 1.14
N ALA A 148 1.82 0.93 1.00
CA ALA A 148 0.93 2.01 1.49
C ALA A 148 1.08 2.18 3.01
N TYR A 149 1.41 1.10 3.72
CA TYR A 149 1.48 1.12 5.20
C TYR A 149 2.81 1.72 5.71
N PHE A 150 3.73 2.02 4.79
CA PHE A 150 5.04 2.60 5.19
C PHE A 150 4.81 3.95 5.88
N ASN A 151 5.55 4.19 6.96
CA ASN A 151 5.45 5.48 7.70
C ASN A 151 6.45 6.49 7.12
N ASP A 152 6.48 7.69 7.69
CA ASP A 152 7.37 8.76 7.15
C ASP A 152 8.84 8.33 7.24
N SER A 153 9.21 7.64 8.32
CA SER A 153 10.62 7.20 8.49
C SER A 153 10.99 6.22 7.37
N GLN A 154 10.11 5.27 7.11
CA GLN A 154 10.36 4.25 6.06
C GLN A 154 10.42 4.93 4.68
N ARG A 155 9.52 5.89 4.45
CA ARG A 155 9.51 6.61 3.16
C ARG A 155 10.79 7.43 2.99
N GLN A 156 11.20 8.14 4.04
CA GLN A 156 12.41 9.00 3.96
C GLN A 156 13.64 8.12 3.73
N ALA A 157 13.72 7.00 4.44
CA ALA A 157 14.88 6.09 4.30
C ALA A 157 14.94 5.54 2.87
N THR A 158 13.76 5.23 2.31
CA THR A 158 13.71 4.75 0.91
C THR A 158 14.19 5.87 -0.04
N LYS A 159 13.79 7.11 0.21
CA LYS A 159 14.25 8.24 -0.62
C LYS A 159 15.77 8.39 -0.46
N ASP A 160 16.26 8.21 0.76
CA ASP A 160 17.70 8.36 1.06
C ASP A 160 18.48 7.32 0.25
N ALA A 161 17.94 6.11 0.13
CA ALA A 161 18.60 5.05 -0.66
C ALA A 161 18.72 5.51 -2.12
N GLY A 162 17.68 6.14 -2.67
CA GLY A 162 17.79 6.69 -4.03
C GLY A 162 18.84 7.79 -4.09
N THR A 163 18.84 8.67 -3.09
CA THR A 163 19.82 9.80 -3.07
C THR A 163 21.25 9.26 -3.01
N ILE A 164 21.49 8.23 -2.19
CA ILE A 164 22.85 7.62 -2.08
C ILE A 164 23.22 7.03 -3.44
N ALA A 165 22.24 6.45 -4.15
CA ALA A 165 22.48 5.83 -5.48
C ALA A 165 22.67 6.88 -6.57
N GLY A 166 22.50 8.16 -6.24
CA GLY A 166 22.67 9.22 -7.25
C GLY A 166 21.39 9.52 -8.00
N LEU A 167 20.28 9.00 -7.50
CA LEU A 167 18.97 9.26 -8.15
C LEU A 167 18.29 10.47 -7.50
N ASN A 168 17.62 11.29 -8.31
CA ASN A 168 16.80 12.39 -7.75
C ASN A 168 15.40 11.78 -7.63
N VAL A 169 14.93 11.54 -6.41
CA VAL A 169 13.61 10.86 -6.25
C VAL A 169 12.53 11.92 -6.36
N LEU A 170 11.87 11.95 -7.52
CA LEU A 170 10.84 12.99 -7.78
C LEU A 170 9.71 12.81 -6.77
N ARG A 171 9.32 11.55 -6.55
CA ARG A 171 8.25 11.28 -5.56
C ARG A 171 8.32 9.84 -5.06
N ILE A 172 7.85 9.62 -3.83
CA ILE A 172 7.70 8.24 -3.31
C ILE A 172 6.20 7.99 -3.39
N ILE A 173 5.80 6.94 -4.12
CA ILE A 173 4.34 6.68 -4.32
C ILE A 173 4.01 5.29 -3.76
N ASN A 174 2.75 5.11 -3.36
CA ASN A 174 2.31 3.81 -2.83
C ASN A 174 2.28 2.77 -3.96
N GLU A 175 2.67 1.53 -3.65
CA GLU A 175 2.66 0.44 -4.65
C GLU A 175 1.24 0.19 -5.18
N PRO A 176 0.17 0.15 -4.35
CA PRO A 176 -1.19 -0.02 -4.87
C PRO A 176 -1.60 1.13 -5.81
N THR A 177 -1.20 2.35 -5.48
CA THR A 177 -1.50 3.52 -6.34
C THR A 177 -0.80 3.33 -7.69
N ALA A 178 0.44 2.86 -7.67
CA ALA A 178 1.19 2.63 -8.92
C ALA A 178 0.47 1.57 -9.77
N ALA A 179 -0.02 0.51 -9.13
CA ALA A 179 -0.76 -0.54 -9.87
C ALA A 179 -2.03 0.06 -10.49
N ALA A 180 -2.74 0.90 -9.74
CA ALA A 180 -3.97 1.53 -10.28
C ALA A 180 -3.62 2.44 -11.46
N ILE A 181 -2.52 3.19 -11.35
CA ILE A 181 -2.08 4.11 -12.44
C ILE A 181 -1.74 3.26 -13.67
N ALA A 182 -1.15 2.09 -13.46
CA ALA A 182 -0.78 1.20 -14.58
C ALA A 182 -2.04 0.81 -15.37
N TYR A 183 -3.15 0.59 -14.67
CA TYR A 183 -4.42 0.19 -15.32
C TYR A 183 -5.22 1.42 -15.75
N GLY A 184 -4.66 2.62 -15.56
CA GLY A 184 -5.33 3.85 -16.03
C GLY A 184 -6.59 4.16 -15.26
N LEU A 185 -6.70 3.69 -14.02
CA LEU A 185 -7.94 3.87 -13.24
C LEU A 185 -8.11 5.33 -12.81
N ASP A 186 -7.03 6.11 -12.83
CA ASP A 186 -7.09 7.55 -12.46
C ASP A 186 -7.44 8.42 -13.67
N LYS A 187 -7.55 7.82 -14.86
CA LYS A 187 -7.92 8.58 -16.07
C LYS A 187 -9.43 8.57 -16.24
N LYS A 188 -10.16 7.83 -15.39
CA LYS A 188 -11.62 7.70 -15.59
C LYS A 188 -12.36 8.89 -14.99
N VAL A 189 -12.89 9.77 -15.84
CA VAL A 189 -13.64 10.97 -15.37
C VAL A 189 -14.98 10.49 -14.79
N GLY A 190 -15.47 11.14 -13.73
CA GLY A 190 -16.80 10.76 -13.24
C GLY A 190 -16.88 10.62 -11.75
N ALA A 191 -17.85 9.86 -11.27
CA ALA A 191 -18.04 9.67 -9.81
C ALA A 191 -16.89 8.84 -9.25
N GLU A 192 -16.71 8.92 -7.93
CA GLU A 192 -15.55 8.22 -7.31
C GLU A 192 -15.65 6.72 -7.52
N ARG A 193 -14.50 6.06 -7.65
CA ARG A 193 -14.47 4.60 -7.82
C ARG A 193 -13.71 3.99 -6.64
N ASN A 194 -14.20 2.86 -6.13
CA ASN A 194 -13.51 2.15 -5.03
C ASN A 194 -12.68 1.04 -5.66
N VAL A 195 -11.38 1.01 -5.39
CA VAL A 195 -10.47 0.04 -6.07
C VAL A 195 -9.84 -0.87 -5.01
N LEU A 196 -9.88 -2.18 -5.23
CA LEU A 196 -9.18 -3.10 -4.31
C LEU A 196 -7.94 -3.63 -5.01
N ILE A 197 -6.78 -3.45 -4.40
CA ILE A 197 -5.52 -4.00 -4.96
C ILE A 197 -5.19 -5.25 -4.17
N PHE A 198 -5.10 -6.40 -4.84
CA PHE A 198 -4.76 -7.69 -4.19
C PHE A 198 -3.33 -7.98 -4.62
N ASP A 199 -2.36 -7.81 -3.72
CA ASP A 199 -0.94 -7.95 -4.10
C ASP A 199 -0.32 -9.13 -3.36
N LEU A 200 -0.15 -10.24 -4.06
CA LEU A 200 0.43 -11.45 -3.43
C LEU A 200 1.72 -11.80 -4.17
N GLY A 201 2.82 -11.24 -3.69
CA GLY A 201 4.13 -11.50 -4.32
C GLY A 201 5.23 -10.85 -3.51
N GLY A 202 6.47 -11.20 -3.77
CA GLY A 202 7.58 -10.53 -3.07
C GLY A 202 7.60 -10.89 -1.59
N GLY A 203 7.02 -12.03 -1.22
CA GLY A 203 7.09 -12.49 0.18
C GLY A 203 6.09 -11.83 1.11
N THR A 204 5.22 -10.99 0.55
CA THR A 204 4.20 -10.31 1.37
C THR A 204 2.84 -10.38 0.69
N PHE A 205 1.77 -10.34 1.48
CA PHE A 205 0.42 -10.27 0.89
C PHE A 205 -0.17 -8.92 1.33
N ASP A 206 -0.51 -8.08 0.36
CA ASP A 206 -1.02 -6.73 0.70
C ASP A 206 -2.38 -6.50 0.06
N VAL A 207 -3.37 -6.13 0.86
CA VAL A 207 -4.70 -5.76 0.30
C VAL A 207 -4.87 -4.27 0.59
N SER A 208 -5.14 -3.49 -0.45
CA SER A 208 -5.33 -2.03 -0.26
C SER A 208 -6.65 -1.59 -0.90
N ILE A 209 -7.42 -0.76 -0.18
CA ILE A 209 -8.66 -0.20 -0.79
C ILE A 209 -8.43 1.29 -1.02
N LEU A 210 -8.61 1.73 -2.26
CA LEU A 210 -8.36 3.15 -2.61
C LEU A 210 -9.63 3.77 -3.20
N THR A 211 -9.81 5.08 -3.03
CA THR A 211 -10.93 5.77 -3.71
C THR A 211 -10.27 6.74 -4.71
N ILE A 212 -10.77 6.78 -5.94
CA ILE A 212 -10.14 7.64 -6.97
C ILE A 212 -11.20 8.57 -7.58
N ALA A 213 -10.97 9.88 -7.53
CA ALA A 213 -11.86 10.85 -8.21
C ALA A 213 -11.03 12.06 -8.59
N ALA A 214 -11.28 12.65 -9.76
CA ALA A 214 -10.57 13.89 -10.19
C ALA A 214 -9.06 13.69 -10.13
N GLY A 215 -8.57 12.50 -10.45
CA GLY A 215 -7.11 12.22 -10.46
C GLY A 215 -6.52 12.09 -9.07
N ILE A 216 -7.35 12.05 -8.02
CA ILE A 216 -6.85 12.02 -6.62
C ILE A 216 -7.08 10.64 -6.02
N PHE A 217 -6.05 10.06 -5.41
CA PHE A 217 -6.17 8.72 -4.77
C PHE A 217 -6.18 8.88 -3.25
N GLU A 218 -7.09 8.17 -2.58
CA GLU A 218 -7.09 8.16 -1.11
C GLU A 218 -7.01 6.70 -0.65
N VAL A 219 -6.09 6.38 0.26
CA VAL A 219 -6.01 5.00 0.80
C VAL A 219 -7.01 4.87 1.95
N LYS A 220 -8.12 4.20 1.70
CA LYS A 220 -9.15 3.98 2.74
C LYS A 220 -8.70 2.94 3.77
N SER A 221 -8.10 1.84 3.31
CA SER A 221 -7.75 0.75 4.25
C SER A 221 -6.61 -0.12 3.71
N THR A 222 -5.87 -0.76 4.61
CA THR A 222 -4.80 -1.70 4.20
C THR A 222 -4.92 -2.93 5.11
N ALA A 223 -4.65 -4.11 4.56
CA ALA A 223 -4.67 -5.35 5.37
C ALA A 223 -3.77 -6.37 4.69
N GLY A 224 -3.35 -7.41 5.41
CA GLY A 224 -2.57 -8.45 4.73
C GLY A 224 -1.69 -9.25 5.66
N ASP A 225 -0.73 -9.97 5.08
CA ASP A 225 0.23 -10.78 5.86
C ASP A 225 1.62 -10.45 5.33
N THR A 226 2.50 -9.94 6.19
CA THR A 226 3.88 -9.53 5.78
C THR A 226 4.76 -10.77 5.58
N HIS A 227 4.28 -11.95 5.97
CA HIS A 227 5.10 -13.18 5.88
C HIS A 227 4.38 -14.26 5.03
N LEU A 228 3.60 -13.85 4.04
CA LEU A 228 2.93 -14.82 3.13
C LEU A 228 3.37 -14.60 1.69
N GLY A 229 3.77 -15.68 1.01
CA GLY A 229 4.23 -15.58 -0.37
C GLY A 229 4.38 -16.91 -1.07
N GLY A 230 4.93 -16.91 -2.28
CA GLY A 230 5.08 -18.14 -3.08
C GLY A 230 5.94 -19.19 -2.40
N GLU A 231 6.93 -18.77 -1.62
CA GLU A 231 7.84 -19.73 -0.94
C GLU A 231 7.01 -20.64 -0.02
N ASP A 232 5.97 -20.08 0.61
CA ASP A 232 5.10 -20.88 1.51
C ASP A 232 4.40 -21.98 0.68
N PHE A 233 3.94 -21.63 -0.51
CA PHE A 233 3.28 -22.63 -1.41
C PHE A 233 4.30 -23.69 -1.83
N ASP A 234 5.52 -23.27 -2.15
CA ASP A 234 6.59 -24.22 -2.55
C ASP A 234 6.93 -25.14 -1.38
N ASN A 235 6.96 -24.60 -0.16
N ASN A 235 6.96 -24.60 -0.16
CA ASN A 235 7.32 -25.41 1.03
CA ASN A 235 7.31 -25.40 1.03
C ASN A 235 6.31 -26.54 1.22
C ASN A 235 6.30 -26.53 1.23
N ARG A 236 5.02 -26.24 1.01
CA ARG A 236 3.96 -27.27 1.17
C ARG A 236 4.24 -28.41 0.20
N MET A 237 4.62 -28.09 -1.04
CA MET A 237 4.98 -29.13 -2.04
C MET A 237 6.23 -29.89 -1.59
N VAL A 238 7.23 -29.17 -1.08
CA VAL A 238 8.52 -29.82 -0.68
C VAL A 238 8.24 -30.82 0.43
N ASN A 239 7.45 -30.41 1.43
CA ASN A 239 7.15 -31.31 2.58
C ASN A 239 6.36 -32.53 2.07
N HIS A 240 5.44 -32.30 1.14
CA HIS A 240 4.63 -33.43 0.58
C HIS A 240 5.56 -34.44 -0.10
N PHE A 241 6.51 -33.94 -0.90
CA PHE A 241 7.44 -34.83 -1.62
C PHE A 241 8.39 -35.54 -0.67
N ILE A 242 8.82 -34.84 0.39
CA ILE A 242 9.70 -35.49 1.40
C ILE A 242 8.92 -36.66 2.00
N ALA A 243 7.64 -36.45 2.31
CA ALA A 243 6.79 -37.52 2.86
C ALA A 243 6.62 -38.65 1.84
N GLU A 244 6.42 -38.29 0.58
CA GLU A 244 6.20 -39.32 -0.48
C GLU A 244 7.46 -40.18 -0.60
N PHE A 245 8.63 -39.54 -0.63
CA PHE A 245 9.89 -40.30 -0.76
C PHE A 245 10.07 -41.19 0.47
N LYS A 246 9.79 -40.65 1.64
CA LYS A 246 9.95 -41.43 2.89
C LYS A 246 8.99 -42.63 2.88
N ARG A 247 7.75 -42.43 2.44
CA ARG A 247 6.77 -43.54 2.42
C ARG A 247 7.22 -44.60 1.41
N LYS A 248 7.62 -44.18 0.21
CA LYS A 248 8.05 -45.11 -0.87
C LYS A 248 9.42 -45.76 -0.63
N HIS A 249 10.41 -45.00 -0.15
CA HIS A 249 11.80 -45.55 -0.09
C HIS A 249 12.31 -45.73 1.34
N LYS A 250 11.51 -45.38 2.34
CA LYS A 250 11.91 -45.52 3.76
C LYS A 250 13.16 -44.68 4.03
N LYS A 251 13.31 -43.57 3.30
CA LYS A 251 14.47 -42.68 3.49
C LYS A 251 14.01 -41.24 3.71
N ASP A 252 14.60 -40.54 4.66
CA ASP A 252 14.29 -39.10 4.88
C ASP A 252 15.40 -38.28 4.22
N ILE A 253 15.07 -37.46 3.23
CA ILE A 253 16.09 -36.68 2.48
C ILE A 253 16.36 -35.36 3.20
N SER A 254 15.66 -35.10 4.30
CA SER A 254 15.76 -33.81 5.01
C SER A 254 17.19 -33.52 5.45
N GLU A 255 17.94 -34.56 5.84
CA GLU A 255 19.34 -34.39 6.32
C GLU A 255 20.22 -33.80 5.22
N ASN A 256 19.96 -34.13 3.94
CA ASN A 256 20.84 -33.66 2.85
C ASN A 256 20.34 -32.30 2.32
N LYS A 257 21.12 -31.25 2.55
CA LYS A 257 20.69 -29.89 2.15
C LYS A 257 20.53 -29.77 0.63
N ARG A 258 21.47 -30.34 -0.13
CA ARG A 258 21.40 -30.22 -1.62
C ARG A 258 20.17 -30.96 -2.15
N ALA A 259 19.84 -32.11 -1.59
CA ALA A 259 18.67 -32.88 -2.06
C ALA A 259 17.41 -32.06 -1.84
N VAL A 260 17.29 -31.43 -0.66
CA VAL A 260 16.11 -30.56 -0.38
C VAL A 260 16.14 -29.36 -1.34
N ARG A 261 17.33 -28.81 -1.61
CA ARG A 261 17.46 -27.65 -2.52
C ARG A 261 17.00 -28.04 -3.94
N ARG A 262 17.41 -29.22 -4.40
CA ARG A 262 17.02 -29.71 -5.74
C ARG A 262 15.51 -29.94 -5.78
N LEU A 263 14.98 -30.52 -4.71
CA LEU A 263 13.51 -30.77 -4.65
C LEU A 263 12.77 -29.44 -4.69
N ARG A 264 13.26 -28.44 -3.93
CA ARG A 264 12.58 -27.13 -3.86
C ARG A 264 12.57 -26.48 -5.25
N THR A 265 13.70 -26.56 -5.96
CA THR A 265 13.80 -25.96 -7.32
C THR A 265 12.79 -26.65 -8.26
N ALA A 266 12.68 -27.98 -8.17
CA ALA A 266 11.71 -28.72 -9.00
C ALA A 266 10.28 -28.31 -8.64
N CYS A 267 10.01 -28.14 -7.34
CA CYS A 267 8.66 -27.74 -6.87
C CYS A 267 8.29 -26.35 -7.39
N GLU A 268 9.23 -25.39 -7.32
N GLU A 268 9.24 -25.41 -7.36
CA GLU A 268 8.97 -24.02 -7.82
CA GLU A 268 8.97 -24.03 -7.81
C GLU A 268 8.56 -24.10 -9.28
C GLU A 268 8.60 -24.05 -9.30
N ARG A 269 9.33 -24.84 -10.09
CA ARG A 269 9.04 -24.96 -11.54
C ARG A 269 7.66 -25.62 -11.74
N ALA A 270 7.38 -26.67 -10.96
CA ALA A 270 6.09 -27.39 -11.08
C ALA A 270 4.91 -26.47 -10.74
N LYS A 271 5.08 -25.63 -9.73
CA LYS A 271 3.99 -24.70 -9.32
C LYS A 271 3.66 -23.76 -10.48
N ARG A 272 4.71 -23.27 -11.16
CA ARG A 272 4.48 -22.36 -12.32
C ARG A 272 3.76 -23.13 -13.44
N THR A 273 4.14 -24.38 -13.68
CA THR A 273 3.46 -25.21 -14.71
C THR A 273 1.99 -25.37 -14.34
N LEU A 274 1.68 -25.54 -13.05
CA LEU A 274 0.28 -25.75 -12.58
C LEU A 274 -0.59 -24.52 -12.82
N SER A 275 0.00 -23.33 -12.98
CA SER A 275 -0.80 -22.12 -13.32
C SER A 275 -1.40 -22.25 -14.73
N SER A 276 -0.70 -22.92 -15.65
CA SER A 276 -1.17 -23.06 -17.06
C SER A 276 -1.64 -24.50 -17.38
N SER A 277 -1.26 -25.48 -16.56
CA SER A 277 -1.60 -26.90 -16.84
C SER A 277 -2.21 -27.54 -15.59
N THR A 278 -2.95 -28.63 -15.76
CA THR A 278 -3.65 -29.30 -14.62
C THR A 278 -2.73 -30.27 -13.89
N GLN A 279 -1.56 -30.56 -14.48
N GLN A 279 -1.56 -30.57 -14.48
CA GLN A 279 -0.61 -31.52 -13.86
CA GLN A 279 -0.61 -31.53 -13.85
C GLN A 279 0.84 -31.15 -14.20
C GLN A 279 0.83 -31.13 -14.19
N ALA A 280 1.77 -31.44 -13.29
CA ALA A 280 3.20 -31.13 -13.56
C ALA A 280 4.05 -32.36 -13.21
N SER A 281 5.15 -32.56 -13.93
CA SER A 281 6.04 -33.72 -13.68
C SER A 281 7.24 -33.30 -12.82
N ILE A 282 7.60 -34.14 -11.85
CA ILE A 282 8.82 -33.89 -11.03
C ILE A 282 9.83 -34.97 -11.44
N GLU A 283 10.95 -34.57 -12.05
CA GLU A 283 11.94 -35.57 -12.52
C GLU A 283 13.31 -35.20 -11.94
N ILE A 284 13.76 -35.94 -10.93
CA ILE A 284 15.07 -35.66 -10.31
C ILE A 284 15.90 -36.95 -10.32
N ASP A 285 17.05 -36.91 -11.00
CA ASP A 285 17.95 -38.08 -11.04
C ASP A 285 18.76 -38.14 -9.75
N SER A 286 18.86 -39.33 -9.15
CA SER A 286 19.71 -39.51 -7.94
C SER A 286 19.40 -38.44 -6.88
N LEU A 287 18.12 -38.30 -6.52
CA LEU A 287 17.76 -37.32 -5.46
C LEU A 287 18.41 -37.70 -4.13
N TYR A 288 18.34 -38.97 -3.75
CA TYR A 288 18.92 -39.41 -2.44
C TYR A 288 19.28 -40.88 -2.52
N GLU A 289 20.49 -41.24 -2.07
CA GLU A 289 20.94 -42.66 -2.03
C GLU A 289 20.84 -43.29 -3.42
N GLY A 290 21.05 -42.50 -4.47
CA GLY A 290 21.06 -43.03 -5.85
C GLY A 290 19.68 -43.32 -6.39
N ILE A 291 18.64 -42.89 -5.66
CA ILE A 291 17.26 -43.23 -6.08
C ILE A 291 16.70 -42.09 -6.92
N ASP A 292 16.33 -42.39 -8.16
CA ASP A 292 15.70 -41.37 -9.03
C ASP A 292 14.31 -41.05 -8.46
N PHE A 293 13.93 -39.77 -8.47
CA PHE A 293 12.57 -39.40 -8.02
C PHE A 293 11.81 -38.88 -9.23
N TYR A 294 10.98 -39.75 -9.82
CA TYR A 294 10.16 -39.34 -10.98
C TYR A 294 8.70 -39.46 -10.53
N THR A 295 7.97 -38.36 -10.53
CA THR A 295 6.58 -38.38 -9.99
C THR A 295 5.82 -37.22 -10.61
N SER A 296 4.58 -37.03 -10.19
CA SER A 296 3.73 -35.96 -10.77
C SER A 296 2.87 -35.35 -9.66
N ILE A 297 2.40 -34.13 -9.87
CA ILE A 297 1.45 -33.50 -8.90
C ILE A 297 0.34 -32.86 -9.72
N THR A 298 -0.92 -33.06 -9.30
CA THR A 298 -2.05 -32.41 -9.99
C THR A 298 -2.27 -31.00 -9.43
N ARG A 299 -2.95 -30.15 -10.19
CA ARG A 299 -3.28 -28.80 -9.68
C ARG A 299 -4.16 -28.97 -8.43
N ALA A 300 -5.08 -29.92 -8.48
CA ALA A 300 -6.00 -30.13 -7.33
C ALA A 300 -5.23 -30.52 -6.07
N ARG A 301 -4.21 -31.38 -6.21
CA ARG A 301 -3.38 -31.78 -5.05
C ARG A 301 -2.61 -30.56 -4.52
N PHE A 302 -2.07 -29.75 -5.43
CA PHE A 302 -1.35 -28.52 -5.03
C PHE A 302 -2.32 -27.60 -4.28
N GLU A 303 -3.55 -27.48 -4.79
CA GLU A 303 -4.57 -26.64 -4.13
C GLU A 303 -4.89 -27.20 -2.73
N GLU A 304 -5.00 -28.52 -2.61
CA GLU A 304 -5.30 -29.16 -1.30
C GLU A 304 -4.14 -28.89 -0.32
N LEU A 305 -2.89 -29.00 -0.78
CA LEU A 305 -1.72 -28.79 0.10
C LEU A 305 -1.71 -27.35 0.63
N ASN A 306 -2.26 -26.40 -0.15
CA ASN A 306 -2.23 -24.97 0.22
C ASN A 306 -3.63 -24.43 0.50
N ALA A 307 -4.60 -25.29 0.81
CA ALA A 307 -6.00 -24.82 0.92
C ALA A 307 -6.16 -23.73 1.99
N ASP A 308 -5.55 -23.91 3.15
CA ASP A 308 -5.67 -22.92 4.24
C ASP A 308 -5.05 -21.59 3.81
N LEU A 309 -3.88 -21.66 3.16
CA LEU A 309 -3.17 -20.42 2.74
C LEU A 309 -4.00 -19.68 1.67
N PHE A 310 -4.53 -20.42 0.69
CA PHE A 310 -5.29 -19.78 -0.41
C PHE A 310 -6.60 -19.16 0.11
N ARG A 311 -7.34 -19.93 0.92
CA ARG A 311 -8.63 -19.43 1.46
C ARG A 311 -8.36 -18.27 2.42
N GLY A 312 -7.23 -18.33 3.12
CA GLY A 312 -6.89 -17.29 4.12
C GLY A 312 -6.70 -15.92 3.51
N THR A 313 -6.42 -15.87 2.20
CA THR A 313 -6.20 -14.57 1.51
C THR A 313 -7.48 -13.72 1.59
N LEU A 314 -8.64 -14.35 1.66
CA LEU A 314 -9.93 -13.63 1.74
C LEU A 314 -10.10 -12.88 3.07
N ASP A 315 -9.46 -13.36 4.14
CA ASP A 315 -9.63 -12.72 5.48
C ASP A 315 -9.13 -11.27 5.47
N PRO A 316 -7.94 -10.94 4.94
CA PRO A 316 -7.52 -9.53 4.80
C PRO A 316 -8.44 -8.74 3.87
N VAL A 317 -8.98 -9.39 2.84
CA VAL A 317 -9.93 -8.69 1.94
C VAL A 317 -11.16 -8.26 2.77
N GLU A 318 -11.67 -9.16 3.60
CA GLU A 318 -12.85 -8.84 4.45
C GLU A 318 -12.50 -7.73 5.44
N LYS A 319 -11.31 -7.81 6.04
CA LYS A 319 -10.89 -6.78 7.03
C LYS A 319 -10.74 -5.41 6.36
N ALA A 320 -10.15 -5.38 5.18
CA ALA A 320 -9.95 -4.09 4.49
C ALA A 320 -11.31 -3.49 4.17
N LEU A 321 -12.25 -4.32 3.75
CA LEU A 321 -13.62 -3.84 3.41
C LEU A 321 -14.27 -3.27 4.68
N ARG A 322 -14.12 -3.98 5.81
CA ARG A 322 -14.70 -3.51 7.09
C ARG A 322 -14.05 -2.18 7.48
N ASP A 323 -12.72 -2.08 7.37
CA ASP A 323 -11.98 -0.84 7.75
C ASP A 323 -12.40 0.30 6.83
N ALA A 324 -12.64 0.00 5.55
CA ALA A 324 -13.04 1.03 4.58
C ALA A 324 -14.54 1.35 4.71
N LYS A 325 -15.25 0.61 5.57
CA LYS A 325 -16.71 0.81 5.74
C LYS A 325 -17.41 0.59 4.39
N LEU A 326 -17.00 -0.43 3.65
CA LEU A 326 -17.57 -0.71 2.31
C LEU A 326 -18.05 -2.16 2.21
N ASP A 327 -19.15 -2.38 1.49
CA ASP A 327 -19.59 -3.77 1.20
C ASP A 327 -18.77 -4.22 -0.02
N LYS A 328 -18.64 -5.53 -0.24
CA LYS A 328 -17.86 -6.04 -1.40
C LYS A 328 -18.50 -5.55 -2.70
N SER A 329 -19.82 -5.35 -2.70
CA SER A 329 -20.56 -4.88 -3.90
C SER A 329 -20.13 -3.47 -4.30
N GLN A 330 -19.59 -2.69 -3.37
CA GLN A 330 -19.21 -1.28 -3.64
C GLN A 330 -17.82 -1.18 -4.29
N ILE A 331 -17.13 -2.30 -4.47
CA ILE A 331 -15.82 -2.24 -5.18
C ILE A 331 -16.05 -2.17 -6.69
N HIS A 332 -15.52 -1.13 -7.33
CA HIS A 332 -15.70 -0.93 -8.80
C HIS A 332 -14.59 -1.64 -9.59
N ASP A 333 -13.38 -1.70 -9.04
CA ASP A 333 -12.24 -2.29 -9.79
C ASP A 333 -11.41 -3.19 -8.88
N ILE A 334 -11.06 -4.39 -9.34
CA ILE A 334 -10.16 -5.29 -8.56
C ILE A 334 -8.87 -5.48 -9.39
N VAL A 335 -7.72 -5.28 -8.77
CA VAL A 335 -6.43 -5.35 -9.53
C VAL A 335 -5.56 -6.46 -8.92
N LEU A 336 -5.06 -7.35 -9.78
CA LEU A 336 -4.18 -8.45 -9.31
C LEU A 336 -2.73 -8.04 -9.50
N VAL A 337 -1.96 -8.04 -8.42
CA VAL A 337 -0.51 -7.68 -8.48
C VAL A 337 0.26 -8.79 -7.77
N GLY A 338 1.46 -9.10 -8.26
CA GLY A 338 2.29 -10.16 -7.66
C GLY A 338 2.21 -11.46 -8.42
N GLY A 339 3.32 -12.20 -8.47
CA GLY A 339 3.39 -13.45 -9.26
C GLY A 339 2.40 -14.50 -8.79
N SER A 340 2.16 -14.58 -7.49
CA SER A 340 1.28 -15.63 -6.93
C SER A 340 -0.17 -15.45 -7.40
N THR A 341 -0.55 -14.27 -7.87
CA THR A 341 -1.92 -14.02 -8.37
C THR A 341 -2.17 -14.83 -9.65
N ARG A 342 -1.10 -15.33 -10.27
CA ARG A 342 -1.26 -16.20 -11.47
C ARG A 342 -1.96 -17.51 -11.08
N ILE A 343 -1.88 -17.91 -9.81
CA ILE A 343 -2.46 -19.22 -9.41
C ILE A 343 -3.97 -19.17 -9.66
N PRO A 344 -4.53 -20.13 -10.44
CA PRO A 344 -5.95 -20.10 -10.80
C PRO A 344 -6.89 -20.16 -9.58
N LYS A 345 -6.54 -20.94 -8.57
CA LYS A 345 -7.39 -21.09 -7.36
C LYS A 345 -7.54 -19.73 -6.66
N ILE A 346 -6.44 -18.98 -6.57
CA ILE A 346 -6.51 -17.63 -5.93
C ILE A 346 -7.42 -16.71 -6.75
N GLN A 347 -7.29 -16.74 -8.08
CA GLN A 347 -8.17 -15.91 -8.94
C GLN A 347 -9.63 -16.35 -8.77
N LYS A 348 -9.88 -17.66 -8.74
CA LYS A 348 -11.26 -18.18 -8.60
C LYS A 348 -11.84 -17.78 -7.24
N LEU A 349 -11.04 -17.89 -6.17
CA LEU A 349 -11.53 -17.55 -4.82
C LEU A 349 -11.92 -16.08 -4.76
N LEU A 350 -11.07 -15.20 -5.30
CA LEU A 350 -11.35 -13.75 -5.26
C LEU A 350 -12.56 -13.41 -6.13
N GLN A 351 -12.63 -14.00 -7.33
CA GLN A 351 -13.76 -13.73 -8.26
C GLN A 351 -15.07 -14.25 -7.64
N ASP A 352 -15.03 -15.44 -7.06
CA ASP A 352 -16.25 -16.03 -6.43
C ASP A 352 -16.68 -15.13 -5.27
N PHE A 353 -15.71 -14.63 -4.49
CA PHE A 353 -16.02 -13.73 -3.36
C PHE A 353 -16.72 -12.48 -3.90
N PHE A 354 -16.29 -12.02 -5.08
CA PHE A 354 -16.85 -10.76 -5.67
C PHE A 354 -18.00 -11.08 -6.62
N ASN A 355 -18.61 -12.25 -6.51
CA ASN A 355 -19.83 -12.58 -7.31
C ASN A 355 -19.56 -12.53 -8.82
N GLY A 356 -18.42 -13.04 -9.27
CA GLY A 356 -18.16 -13.14 -10.72
C GLY A 356 -17.55 -11.90 -11.34
N LYS A 357 -17.23 -10.91 -10.52
CA LYS A 357 -16.70 -9.64 -11.06
C LYS A 357 -15.36 -9.94 -11.77
N GLU A 358 -15.16 -9.35 -12.95
CA GLU A 358 -13.92 -9.56 -13.71
C GLU A 358 -12.74 -8.91 -12.98
N LEU A 359 -11.57 -9.55 -13.05
CA LEU A 359 -10.37 -9.02 -12.36
C LEU A 359 -9.45 -8.34 -13.37
N ASN A 360 -8.79 -7.24 -12.97
CA ASN A 360 -7.80 -6.58 -13.85
C ASN A 360 -6.48 -7.32 -13.68
N LYS A 361 -6.06 -8.05 -14.72
CA LYS A 361 -4.84 -8.89 -14.61
C LYS A 361 -4.04 -8.89 -15.92
N SER A 362 -4.42 -8.04 -16.88
CA SER A 362 -3.80 -8.05 -18.23
C SER A 362 -2.32 -7.64 -18.19
N ILE A 363 -1.94 -6.79 -17.24
CA ILE A 363 -0.53 -6.38 -17.08
C ILE A 363 0.22 -7.45 -16.27
N ASN A 364 1.46 -7.75 -16.64
CA ASN A 364 2.24 -8.78 -15.93
C ASN A 364 2.20 -8.37 -14.45
N PRO A 365 1.75 -9.27 -13.55
CA PRO A 365 1.60 -8.92 -12.14
C PRO A 365 2.95 -8.59 -11.48
N ASP A 366 4.04 -9.17 -11.99
CA ASP A 366 5.40 -8.87 -11.46
C ASP A 366 5.84 -7.46 -11.86
N GLU A 367 5.29 -6.90 -12.93
CA GLU A 367 5.79 -5.60 -13.46
C GLU A 367 4.80 -4.44 -13.32
N ALA A 368 3.59 -4.69 -12.82
CA ALA A 368 2.56 -3.63 -12.81
C ALA A 368 2.97 -2.42 -11.97
N VAL A 369 3.58 -2.66 -10.81
CA VAL A 369 3.96 -1.53 -9.92
C VAL A 369 5.03 -0.67 -10.59
N ALA A 370 6.04 -1.29 -11.19
CA ALA A 370 7.07 -0.53 -11.91
C ALA A 370 6.43 0.19 -13.09
N TYR A 371 5.47 -0.47 -13.74
CA TYR A 371 4.79 0.12 -14.93
C TYR A 371 4.09 1.42 -14.52
N GLY A 372 3.36 1.37 -13.40
CA GLY A 372 2.68 2.57 -12.89
C GLY A 372 3.67 3.65 -12.48
N ALA A 373 4.76 3.24 -11.85
CA ALA A 373 5.78 4.21 -11.40
C ALA A 373 6.37 4.91 -12.62
N ALA A 374 6.61 4.16 -13.70
CA ALA A 374 7.17 4.74 -14.94
C ALA A 374 6.19 5.76 -15.54
N VAL A 375 4.91 5.44 -15.53
CA VAL A 375 3.89 6.38 -16.07
C VAL A 375 3.91 7.66 -15.23
N GLN A 376 3.92 7.52 -13.90
CA GLN A 376 3.92 8.71 -13.00
C GLN A 376 5.21 9.50 -13.20
N ALA A 377 6.34 8.81 -13.36
CA ALA A 377 7.63 9.51 -13.51
C ALA A 377 7.61 10.38 -14.77
N ALA A 378 7.04 9.87 -15.85
CA ALA A 378 6.95 10.63 -17.12
C ALA A 378 6.07 11.87 -16.92
N ILE A 379 4.96 11.71 -16.20
CA ILE A 379 4.04 12.85 -15.94
C ILE A 379 4.80 13.92 -15.14
N LEU A 380 5.56 13.50 -14.14
CA LEU A 380 6.33 14.44 -13.31
C LEU A 380 7.45 15.05 -14.15
N SER A 381 7.92 14.35 -15.18
CA SER A 381 8.96 14.89 -16.09
C SER A 381 8.32 15.69 -17.23
N GLY A 382 6.98 15.72 -17.29
CA GLY A 382 6.27 16.47 -18.34
C GLY A 382 5.76 15.55 -19.44
N ASP A 395 -17.70 17.40 -11.98
CA ASP A 395 -17.06 18.19 -10.90
C ASP A 395 -17.41 17.59 -9.53
N VAL A 396 -16.41 17.38 -8.68
CA VAL A 396 -16.64 16.78 -7.34
C VAL A 396 -15.97 17.69 -6.30
N THR A 397 -16.46 17.63 -5.07
CA THR A 397 -15.84 18.45 -3.99
C THR A 397 -14.42 17.95 -3.76
N PRO A 398 -13.41 18.84 -3.73
CA PRO A 398 -12.03 18.45 -3.45
C PRO A 398 -11.81 17.93 -2.03
N LEU A 399 -12.45 18.58 -1.05
CA LEU A 399 -12.21 18.21 0.37
C LEU A 399 -13.54 18.13 1.12
N SER A 400 -13.57 17.33 2.18
CA SER A 400 -14.81 17.17 2.98
C SER A 400 -15.17 18.51 3.62
N LEU A 401 -16.48 18.78 3.74
CA LEU A 401 -16.95 20.06 4.30
C LEU A 401 -17.84 19.78 5.51
N GLY A 402 -17.68 20.55 6.58
CA GLY A 402 -18.42 20.27 7.82
C GLY A 402 -18.36 21.42 8.81
N ILE A 403 -18.93 21.21 9.99
CA ILE A 403 -18.93 22.26 11.05
C ILE A 403 -18.30 21.71 12.32
N GLU A 404 -17.86 22.61 13.20
CA GLU A 404 -17.26 22.18 14.49
C GLU A 404 -18.37 21.78 15.47
N THR A 405 -18.28 20.58 16.03
CA THR A 405 -19.23 20.16 17.08
C THR A 405 -18.51 20.23 18.42
N ALA A 406 -19.21 20.00 19.53
CA ALA A 406 -18.60 20.19 20.85
C ALA A 406 -17.30 19.39 20.98
N GLY A 407 -16.27 20.01 21.56
CA GLY A 407 -14.97 19.34 21.72
C GLY A 407 -14.01 19.60 20.57
N GLY A 408 -14.37 20.49 19.66
CA GLY A 408 -13.51 20.78 18.49
C GLY A 408 -13.54 19.67 17.46
N VAL A 409 -14.63 18.90 17.43
CA VAL A 409 -14.74 17.74 16.50
C VAL A 409 -15.24 18.19 15.12
N MET A 410 -14.68 17.61 14.07
CA MET A 410 -15.16 17.90 12.70
C MET A 410 -16.38 17.02 12.42
N THR A 411 -17.54 17.62 12.20
CA THR A 411 -18.72 16.82 11.80
C THR A 411 -18.96 17.13 10.32
N VAL A 412 -18.80 16.12 9.47
CA VAL A 412 -18.88 16.35 8.00
C VAL A 412 -20.32 16.37 7.53
N LEU A 413 -20.70 17.38 6.75
CA LEU A 413 -22.05 17.39 6.14
C LEU A 413 -21.92 16.95 4.68
N ILE A 414 -20.81 17.29 4.03
CA ILE A 414 -20.58 16.85 2.62
C ILE A 414 -19.21 16.16 2.54
N LYS A 415 -19.21 14.87 2.18
CA LYS A 415 -17.94 14.11 2.06
C LYS A 415 -17.21 14.59 0.80
N ARG A 416 -15.89 14.43 0.78
CA ARG A 416 -15.14 14.79 -0.45
C ARG A 416 -15.56 13.85 -1.58
N ASN A 417 -15.38 14.29 -2.82
CA ASN A 417 -15.74 13.47 -4.01
C ASN A 417 -17.26 13.49 -4.23
N THR A 418 -17.95 14.41 -3.57
CA THR A 418 -19.42 14.54 -3.79
C THR A 418 -19.65 15.41 -5.04
N THR A 419 -20.46 14.91 -5.98
CA THR A 419 -20.71 15.65 -7.23
C THR A 419 -21.45 16.95 -6.93
N ILE A 420 -21.10 18.02 -7.64
CA ILE A 420 -21.77 19.33 -7.46
C ILE A 420 -22.63 19.60 -8.69
N PRO A 421 -23.77 20.31 -8.60
CA PRO A 421 -24.23 20.89 -7.33
C PRO A 421 -24.78 19.88 -6.31
N THR A 422 -24.73 20.24 -5.03
CA THR A 422 -25.27 19.35 -3.98
C THR A 422 -25.85 20.18 -2.83
N LYS A 423 -26.82 19.62 -2.11
CA LYS A 423 -27.36 20.29 -0.90
C LYS A 423 -27.47 19.23 0.19
N GLN A 424 -26.88 19.48 1.36
CA GLN A 424 -26.93 18.49 2.47
C GLN A 424 -27.40 19.20 3.74
N THR A 425 -28.31 18.58 4.48
CA THR A 425 -28.87 19.21 5.70
C THR A 425 -28.76 18.24 6.88
N GLN A 426 -28.32 18.73 8.04
CA GLN A 426 -28.29 17.89 9.28
C GLN A 426 -28.83 18.73 10.42
N THR A 427 -29.35 18.06 11.46
CA THR A 427 -29.96 18.78 12.61
C THR A 427 -29.01 18.70 13.80
N PHE A 428 -28.83 19.81 14.50
CA PHE A 428 -27.89 19.89 15.64
C PHE A 428 -28.62 20.42 16.86
N THR A 429 -27.99 20.30 18.03
CA THR A 429 -28.62 20.76 19.30
C THR A 429 -27.58 21.47 20.15
N THR A 430 -28.02 22.06 21.28
CA THR A 430 -27.10 22.76 22.22
C THR A 430 -26.38 21.75 23.12
N TYR A 431 -25.14 22.07 23.52
CA TYR A 431 -24.35 21.17 24.41
C TYR A 431 -24.57 21.55 25.87
N SER A 432 -24.99 22.79 26.13
CA SER A 432 -25.14 23.29 27.52
C SER A 432 -26.58 23.70 27.79
N ASP A 433 -26.99 23.67 29.07
CA ASP A 433 -28.37 24.07 29.44
C ASP A 433 -28.54 25.57 29.25
N ASN A 434 -29.71 25.99 28.78
CA ASN A 434 -30.01 27.45 28.62
C ASN A 434 -28.96 28.11 27.74
N GLN A 435 -28.52 27.42 26.67
CA GLN A 435 -27.49 27.99 25.77
C GLN A 435 -28.19 29.02 24.88
N PRO A 436 -27.80 30.30 24.94
CA PRO A 436 -28.49 31.35 24.19
C PRO A 436 -28.22 31.33 22.68
N GLY A 437 -27.10 30.73 22.26
CA GLY A 437 -26.76 30.76 20.83
C GLY A 437 -25.81 29.64 20.43
N VAL A 438 -25.66 29.43 19.13
CA VAL A 438 -24.67 28.43 18.64
C VAL A 438 -23.72 29.14 17.67
N LEU A 439 -22.47 28.72 17.62
CA LEU A 439 -21.51 29.29 16.66
C LEU A 439 -21.32 28.27 15.54
N ILE A 440 -21.64 28.66 14.30
CA ILE A 440 -21.48 27.73 13.14
C ILE A 440 -20.09 28.02 12.55
N GLN A 441 -19.19 27.06 12.66
CA GLN A 441 -17.81 27.24 12.16
C GLN A 441 -17.63 26.26 11.01
N VAL A 442 -17.39 26.79 9.81
CA VAL A 442 -17.31 25.91 8.60
C VAL A 442 -15.85 25.52 8.34
N TYR A 443 -15.60 24.21 8.23
CA TYR A 443 -14.21 23.73 8.05
C TYR A 443 -14.09 22.80 6.85
N GLU A 444 -12.90 22.74 6.24
N GLU A 444 -12.92 22.79 6.20
CA GLU A 444 -12.67 21.88 5.05
CA GLU A 444 -12.69 21.87 5.06
C GLU A 444 -11.46 21.01 5.36
C GLU A 444 -11.46 21.01 5.37
N GLY A 445 -11.62 19.68 5.24
CA GLY A 445 -10.48 18.77 5.48
C GLY A 445 -10.91 17.37 5.85
N GLU A 446 -9.96 16.45 5.99
CA GLU A 446 -10.30 15.02 6.21
C GLU A 446 -9.93 14.57 7.62
N ARG A 447 -9.47 15.49 8.46
CA ARG A 447 -9.06 15.15 9.84
C ARG A 447 -10.26 15.10 10.80
N ALA A 448 -10.15 14.35 11.89
CA ALA A 448 -11.22 14.23 12.90
C ALA A 448 -11.43 15.54 13.68
N MET A 449 -10.36 16.28 13.94
CA MET A 449 -10.46 17.49 14.79
C MET A 449 -10.32 18.77 13.93
N THR A 450 -11.08 19.81 14.24
CA THR A 450 -11.11 21.05 13.44
C THR A 450 -9.74 21.75 13.41
N LYS A 451 -8.95 21.59 14.47
CA LYS A 451 -7.62 22.26 14.54
C LYS A 451 -6.77 21.76 13.37
N ASP A 452 -7.02 20.53 12.91
CA ASP A 452 -6.22 19.92 11.82
C ASP A 452 -6.87 20.17 10.45
N ASN A 453 -8.01 20.84 10.42
CA ASN A 453 -8.70 21.17 9.15
C ASN A 453 -8.61 22.68 8.90
N ASN A 454 -9.17 23.15 7.78
CA ASN A 454 -9.05 24.59 7.41
C ASN A 454 -10.36 25.34 7.70
N LEU A 455 -10.28 26.43 8.46
CA LEU A 455 -11.48 27.25 8.79
C LEU A 455 -11.82 28.15 7.60
N LEU A 456 -13.03 28.01 7.07
CA LEU A 456 -13.43 28.79 5.88
C LEU A 456 -14.23 30.02 6.30
N GLY A 457 -15.06 29.87 7.34
CA GLY A 457 -15.91 30.99 7.79
C GLY A 457 -16.65 30.65 9.06
N LYS A 458 -17.22 31.66 9.71
CA LYS A 458 -18.02 31.39 10.92
C LYS A 458 -19.20 32.37 11.00
N PHE A 459 -20.30 31.92 11.60
CA PHE A 459 -21.45 32.83 11.84
C PHE A 459 -22.15 32.36 13.12
N GLU A 460 -22.94 33.23 13.71
CA GLU A 460 -23.58 32.91 15.01
C GLU A 460 -25.10 32.88 14.85
N LEU A 461 -25.76 31.90 15.48
CA LEU A 461 -27.25 31.94 15.52
C LEU A 461 -27.60 32.25 16.97
N THR A 462 -28.11 33.46 17.24
CA THR A 462 -28.43 33.89 18.62
C THR A 462 -29.94 33.83 18.85
N GLY A 463 -30.38 34.10 20.07
CA GLY A 463 -31.82 34.16 20.36
C GLY A 463 -32.45 32.79 20.54
N ILE A 464 -31.65 31.75 20.77
CA ILE A 464 -32.27 30.42 21.04
C ILE A 464 -33.07 30.55 22.34
N PRO A 465 -34.36 30.15 22.35
CA PRO A 465 -35.17 30.24 23.55
C PRO A 465 -34.56 29.31 24.61
N PRO A 466 -34.49 29.73 25.88
CA PRO A 466 -33.81 28.93 26.90
C PRO A 466 -34.45 27.54 27.02
N ALA A 467 -33.62 26.50 27.01
CA ALA A 467 -34.11 25.12 27.09
C ALA A 467 -33.00 24.23 27.64
N PRO A 468 -33.30 23.02 28.12
CA PRO A 468 -32.25 22.12 28.59
C PRO A 468 -31.39 21.67 27.40
N ARG A 469 -30.16 21.22 27.70
CA ARG A 469 -29.25 20.78 26.63
C ARG A 469 -29.92 19.65 25.85
N GLY A 470 -29.78 19.66 24.53
CA GLY A 470 -30.34 18.58 23.69
C GLY A 470 -31.75 18.84 23.19
N VAL A 471 -32.39 19.89 23.72
CA VAL A 471 -33.79 20.20 23.31
C VAL A 471 -33.82 21.11 22.07
N PRO A 472 -33.07 22.23 22.00
CA PRO A 472 -33.16 23.11 20.84
C PRO A 472 -32.76 22.35 19.57
N GLN A 473 -33.48 22.60 18.47
CA GLN A 473 -33.16 21.94 17.18
C GLN A 473 -32.67 23.00 16.19
N ILE A 474 -31.44 22.84 15.69
CA ILE A 474 -30.85 23.82 14.74
C ILE A 474 -30.57 23.06 13.45
N GLU A 475 -31.20 23.49 12.35
CA GLU A 475 -31.00 22.81 11.05
C GLU A 475 -29.89 23.54 10.29
N VAL A 476 -28.81 22.82 9.98
CA VAL A 476 -27.67 23.44 9.24
C VAL A 476 -27.68 22.89 7.82
N THR A 477 -27.67 23.78 6.83
CA THR A 477 -27.70 23.33 5.42
C THR A 477 -26.44 23.79 4.68
N PHE A 478 -25.79 22.86 3.99
CA PHE A 478 -24.63 23.24 3.13
C PHE A 478 -25.14 23.13 1.70
N ASP A 479 -25.11 24.23 0.96
CA ASP A 479 -25.57 24.22 -0.45
C ASP A 479 -24.39 24.61 -1.34
N ILE A 480 -24.04 23.75 -2.30
CA ILE A 480 -22.97 24.10 -3.26
C ILE A 480 -23.59 24.19 -4.64
N ASP A 481 -23.39 25.32 -5.33
CA ASP A 481 -23.92 25.51 -6.70
C ASP A 481 -22.97 24.89 -7.73
N ALA A 482 -23.36 24.90 -9.00
CA ALA A 482 -22.51 24.35 -10.08
C ALA A 482 -21.19 25.13 -10.16
N ASN A 483 -21.21 26.43 -9.86
CA ASN A 483 -19.97 27.25 -9.87
C ASN A 483 -19.07 26.90 -8.68
N GLY A 484 -19.56 26.09 -7.73
CA GLY A 484 -18.75 25.65 -6.58
C GLY A 484 -18.86 26.57 -5.37
N ILE A 485 -19.75 27.56 -5.44
CA ILE A 485 -19.97 28.47 -4.29
C ILE A 485 -20.70 27.72 -3.17
N LEU A 486 -20.22 27.88 -1.93
CA LEU A 486 -20.84 27.19 -0.78
C LEU A 486 -21.68 28.18 0.02
N ASN A 487 -22.95 27.88 0.22
CA ASN A 487 -23.80 28.73 1.08
C ASN A 487 -24.17 27.90 2.31
N VAL A 488 -23.82 28.38 3.50
CA VAL A 488 -24.08 27.62 4.74
C VAL A 488 -25.13 28.40 5.53
N SER A 489 -26.22 27.72 5.90
CA SER A 489 -27.32 28.41 6.62
C SER A 489 -27.70 27.61 7.87
N ALA A 490 -28.13 28.31 8.91
CA ALA A 490 -28.62 27.62 10.12
C ALA A 490 -29.99 28.19 10.50
N VAL A 491 -30.94 27.32 10.81
CA VAL A 491 -32.31 27.77 11.18
C VAL A 491 -32.68 27.23 12.55
N ASP A 492 -33.18 28.10 13.42
CA ASP A 492 -33.72 27.60 14.72
C ASP A 492 -35.09 27.03 14.38
N LYS A 493 -35.27 25.71 14.48
CA LYS A 493 -36.54 25.07 14.06
C LYS A 493 -37.70 25.52 14.95
N SER A 494 -37.39 26.02 16.15
CA SER A 494 -38.47 26.57 17.02
CA SER A 494 -38.47 26.58 17.03
C SER A 494 -39.14 27.95 16.68
N THR A 495 -38.31 28.76 16.00
CA THR A 495 -38.81 30.11 15.65
C THR A 495 -38.73 30.40 14.14
N GLY A 496 -37.89 29.68 13.40
CA GLY A 496 -37.70 29.96 11.97
C GLY A 496 -36.62 31.02 11.74
N LYS A 497 -36.06 31.56 12.83
CA LYS A 497 -34.99 32.58 12.73
C LYS A 497 -33.77 31.94 12.06
N GLU A 498 -33.06 32.71 11.23
CA GLU A 498 -31.97 32.10 10.46
C GLU A 498 -30.76 33.02 10.32
N ASN A 499 -29.60 32.42 10.01
CA ASN A 499 -28.38 33.22 9.70
C ASN A 499 -27.65 32.41 8.63
N LYS A 500 -26.79 33.05 7.85
CA LYS A 500 -26.14 32.33 6.74
C LYS A 500 -24.81 33.00 6.34
N ILE A 501 -23.92 32.23 5.72
CA ILE A 501 -22.65 32.81 5.19
C ILE A 501 -22.46 32.27 3.78
N THR A 502 -21.88 33.10 2.90
CA THR A 502 -21.55 32.61 1.53
C THR A 502 -20.03 32.49 1.50
N ILE A 503 -19.53 31.31 1.14
CA ILE A 503 -18.06 31.09 1.09
C ILE A 503 -17.66 31.06 -0.39
N THR A 504 -16.85 32.04 -0.80
CA THR A 504 -16.41 32.12 -2.21
C THR A 504 -15.43 30.99 -2.54
N ASN A 505 -15.49 30.45 -3.75
CA ASN A 505 -14.47 29.46 -4.17
C ASN A 505 -13.50 30.17 -5.10
N ASP A 506 -12.37 30.64 -4.56
CA ASP A 506 -11.36 31.34 -5.40
C ASP A 506 -10.77 30.30 -6.34
N LYS A 507 -10.68 30.61 -7.63
CA LYS A 507 -10.01 29.66 -8.56
C LYS A 507 -8.53 29.63 -8.15
N GLY A 508 -7.96 28.45 -8.02
CA GLY A 508 -6.55 28.33 -7.63
C GLY A 508 -6.32 28.45 -6.14
N ARG A 509 -7.39 28.46 -5.34
CA ARG A 509 -7.18 28.47 -3.86
C ARG A 509 -6.46 27.17 -3.47
N LEU A 510 -6.86 26.05 -4.08
CA LEU A 510 -6.24 24.74 -3.74
C LEU A 510 -5.61 24.13 -4.98
N SER A 511 -4.33 23.73 -4.89
CA SER A 511 -3.69 23.00 -6.00
C SER A 511 -4.06 21.52 -5.84
N LYS A 512 -3.84 20.71 -6.88
CA LYS A 512 -4.07 19.25 -6.75
C LYS A 512 -3.15 18.72 -5.65
N GLU A 513 -1.92 19.23 -5.60
CA GLU A 513 -0.94 18.82 -4.57
C GLU A 513 -1.42 19.24 -3.17
N ASP A 514 -2.04 20.41 -3.04
CA ASP A 514 -2.61 20.82 -1.73
C ASP A 514 -3.67 19.82 -1.29
N ILE A 515 -4.54 19.42 -2.22
CA ILE A 515 -5.60 18.42 -1.89
C ILE A 515 -4.94 17.11 -1.52
N GLU A 516 -3.92 16.72 -2.28
CA GLU A 516 -3.25 15.42 -2.03
C GLU A 516 -2.61 15.43 -0.63
N ARG A 517 -2.00 16.56 -0.25
CA ARG A 517 -1.35 16.66 1.08
C ARG A 517 -2.39 16.51 2.19
N MET A 518 -3.55 17.14 2.04
CA MET A 518 -4.63 17.02 3.06
C MET A 518 -5.08 15.55 3.14
N VAL A 519 -5.23 14.91 1.99
CA VAL A 519 -5.64 13.47 1.94
C VAL A 519 -4.54 12.61 2.58
N GLN A 520 -3.28 12.90 2.28
CA GLN A 520 -2.15 12.12 2.82
C GLN A 520 -2.10 12.27 4.34
N GLU A 521 -2.35 13.48 4.85
CA GLU A 521 -2.31 13.71 6.31
C GLU A 521 -3.39 12.85 6.97
N ALA A 522 -4.56 12.77 6.34
CA ALA A 522 -5.63 11.91 6.88
C ALA A 522 -5.16 10.44 6.90
N GLU A 523 -4.50 10.00 5.83
CA GLU A 523 -4.00 8.60 5.76
C GLU A 523 -2.95 8.37 6.87
N LYS A 524 -2.05 9.34 7.08
CA LYS A 524 -0.97 9.21 8.10
C LYS A 524 -1.57 9.11 9.51
N TYR A 525 -2.60 9.88 9.80
CA TYR A 525 -3.17 9.93 11.17
C TYR A 525 -4.48 9.13 11.26
N LYS A 526 -4.70 8.19 10.34
CA LYS A 526 -5.99 7.46 10.31
C LYS A 526 -6.22 6.74 11.65
N ALA A 527 -5.20 6.09 12.19
CA ALA A 527 -5.40 5.32 13.44
C ALA A 527 -5.78 6.29 14.57
N GLU A 528 -5.06 7.40 14.71
CA GLU A 528 -5.33 8.38 15.79
C GLU A 528 -6.71 9.02 15.61
N ASP A 529 -7.03 9.42 14.37
CA ASP A 529 -8.34 10.07 14.11
C ASP A 529 -9.48 9.07 14.33
N GLU A 530 -9.32 7.85 13.83
CA GLU A 530 -10.40 6.83 13.94
C GLU A 530 -10.66 6.53 15.41
N LYS A 531 -9.59 6.40 16.20
CA LYS A 531 -9.76 6.20 17.66
C LYS A 531 -10.39 7.46 18.28
N GLN A 532 -10.00 8.65 17.82
CA GLN A 532 -10.48 9.93 18.43
C GLN A 532 -11.99 10.10 18.26
N ARG A 533 -12.55 9.72 17.11
CA ARG A 533 -13.99 10.00 16.85
C ARG A 533 -14.85 9.50 18.00
N ASP A 534 -14.42 8.43 18.68
CA ASP A 534 -15.23 7.79 19.76
C ASP A 534 -15.37 8.69 21.00
N LYS A 535 -14.48 9.65 21.21
CA LYS A 535 -14.47 10.44 22.48
C LYS A 535 -15.74 11.24 22.76
N VAL A 536 -16.30 11.96 21.78
CA VAL A 536 -17.48 12.82 22.16
C VAL A 536 -18.77 12.01 22.05
N SER A 537 -19.57 12.02 23.12
CA SER A 537 -20.82 11.21 23.16
C SER A 537 -21.90 11.66 22.17
N SER A 538 -22.13 12.96 21.99
CA SER A 538 -23.29 13.41 21.17
C SER A 538 -23.09 13.42 19.65
N LYS A 539 -22.09 14.14 19.14
CA LYS A 539 -21.78 14.24 17.69
C LYS A 539 -22.73 15.21 16.95
N ASN A 540 -23.82 15.64 17.58
CA ASN A 540 -24.70 16.66 16.92
C ASN A 540 -24.92 17.85 17.87
N SER A 541 -24.00 18.06 18.81
CA SER A 541 -24.16 19.15 19.80
C SER A 541 -23.24 20.33 19.41
N LEU A 542 -23.77 21.54 19.48
CA LEU A 542 -22.99 22.74 19.10
C LEU A 542 -22.74 23.61 20.32
N GLU A 543 -21.54 24.15 20.44
CA GLU A 543 -21.23 25.09 21.55
C GLU A 543 -21.36 26.52 21.04
N SER A 544 -21.18 27.49 21.95
CA SER A 544 -21.32 28.93 21.59
C SER A 544 -19.94 29.53 21.37
N TYR A 545 -18.89 28.72 21.44
CA TYR A 545 -17.51 29.25 21.36
C TYR A 545 -16.64 28.43 20.41
N ALA A 546 -15.51 28.99 20.00
CA ALA A 546 -14.53 28.25 19.17
C ALA A 546 -13.64 27.45 20.11
N PHE A 547 -13.65 26.12 19.98
CA PHE A 547 -12.87 25.25 20.90
C PHE A 547 -11.37 25.55 20.73
N ASN A 548 -10.92 25.82 19.51
CA ASN A 548 -9.48 26.03 19.24
C ASN A 548 -8.95 27.29 19.92
N MET A 549 -9.83 28.26 20.20
CA MET A 549 -9.41 29.51 20.88
C MET A 549 -9.54 29.39 22.41
N LYS A 550 -10.11 28.29 22.90
CA LYS A 550 -10.28 28.09 24.36
C LYS A 550 -8.93 27.76 24.98
N ALA A 551 -8.61 28.40 26.10
CA ALA A 551 -7.32 28.14 26.80
C ALA A 551 -7.38 26.75 27.46
#